data_9LVA
#
_entry.id   9LVA
#
_cell.length_a   1.00
_cell.length_b   1.00
_cell.length_c   1.00
_cell.angle_alpha   90.00
_cell.angle_beta   90.00
_cell.angle_gamma   90.00
#
_symmetry.space_group_name_H-M   'P 1'
#
loop_
_entity.id
_entity.type
_entity.pdbx_description
1 polymer 'Auxin transporter protein 1'
2 non-polymer '1H-INDOL-3-YLACETIC ACID'
#
_entity_poly.entity_id   1
_entity_poly.type   'polypeptide(L)'
_entity_poly.pdbx_seq_one_letter_code
;MHHHHHHHHHHGSVEDYKDDDDKGSMSEGVEAIVANDNGTDQVNGNRTGKDNEEHDGSTGSNLSNFLWHGGSVWDAWFSC
ASNQVAQVLLTLPYSFSQLGMLSGIVLQIFYGLLGSWTAYLISVLYVEYRARKEKEGKSFKNHVIQWFEVLDGLLGSYWK
ALGLAFNCTFLLFGSVIQLIACASNIYYINDHLDKRTWTYIFGACCATTVFIPSFHNYRIWSFLGLGMTTYTAWYLAIAS
IIHGQAEGVKHSGPTKLVLYFTGATNILYTFGGHAVTVEIMHAMWKPQKFKYIYLMATLYVFTLTIPSAAAVYWAFGDAL
LDHSNAFSLMPKNAWRDAAVILMLIHQFITFGFACTPLYFVWEKVIGMHDTKSICLRALARLPVVIPIWFLAIIFPFFGP
INSAVGALLVSFTVYIIPSLAHMLTYRSASARQNAAEKPPFFMPSWTAMYVLNAFVVVWVLIVGFGFGGWASVTNFVRQV
DTFGLFAKCYQCKPAAAAAHAPVSALHHRL
;
_entity_poly.pdbx_strand_id   A
#
loop_
_chem_comp.id
_chem_comp.type
_chem_comp.name
_chem_comp.formula
IAC non-polymer '1H-INDOL-3-YLACETIC ACID' 'C10 H9 N O2'
#
# COMPACT_ATOMS: atom_id res chain seq x y z
N HIS A 69 4.85 4.20 27.12
CA HIS A 69 5.82 4.37 26.03
C HIS A 69 5.53 3.39 24.91
N GLY A 70 5.38 3.92 23.69
CA GLY A 70 5.05 3.12 22.54
C GLY A 70 6.27 2.55 21.85
N GLY A 71 6.04 2.02 20.65
CA GLY A 71 7.10 1.41 19.87
C GLY A 71 7.38 -0.04 20.19
N SER A 72 6.63 -0.65 21.10
CA SER A 72 6.87 -2.03 21.49
C SER A 72 6.44 -2.98 20.38
N VAL A 73 6.62 -4.28 20.63
CA VAL A 73 6.25 -5.28 19.63
C VAL A 73 4.77 -5.23 19.34
N TRP A 74 3.95 -5.09 20.40
CA TRP A 74 2.51 -4.99 20.20
C TRP A 74 2.17 -3.75 19.37
N ASP A 75 2.84 -2.63 19.67
CA ASP A 75 2.62 -1.42 18.88
C ASP A 75 3.06 -1.62 17.45
N ALA A 76 4.15 -2.36 17.23
CA ALA A 76 4.60 -2.64 15.87
C ALA A 76 3.56 -3.44 15.11
N TRP A 77 2.97 -4.45 15.76
CA TRP A 77 1.92 -5.23 15.10
C TRP A 77 0.70 -4.37 14.81
N PHE A 78 0.31 -3.50 15.74
CA PHE A 78 -0.80 -2.60 15.49
C PHE A 78 -0.53 -1.72 14.28
N SER A 79 0.68 -1.15 14.21
CA SER A 79 1.03 -0.27 13.09
C SER A 79 1.03 -1.03 11.78
N CYS A 80 1.59 -2.23 11.76
CA CYS A 80 1.59 -3.03 10.53
C CYS A 80 0.17 -3.32 10.09
N ALA A 81 -0.69 -3.72 11.02
CA ALA A 81 -2.08 -4.00 10.66
C ALA A 81 -2.77 -2.76 10.12
N SER A 82 -2.54 -1.62 10.75
CA SER A 82 -3.20 -0.39 10.31
C SER A 82 -2.72 0.02 8.92
N ASN A 83 -1.43 -0.12 8.65
CA ASN A 83 -0.86 0.42 7.41
C ASN A 83 -1.01 -0.51 6.22
N GLN A 84 -0.92 -1.82 6.42
CA GLN A 84 -0.90 -2.73 5.27
C GLN A 84 -2.15 -2.57 4.40
N VAL A 85 -3.27 -2.19 4.99
CA VAL A 85 -4.50 -1.97 4.24
C VAL A 85 -5.20 -0.73 4.78
N ALA A 86 -5.09 0.39 4.06
CA ALA A 86 -5.65 1.67 4.47
C ALA A 86 -6.82 2.10 3.61
N GLN A 87 -6.62 2.22 2.31
CA GLN A 87 -7.68 2.64 1.39
C GLN A 87 -8.04 1.59 0.35
N VAL A 88 -7.19 0.58 0.13
CA VAL A 88 -7.50 -0.43 -0.87
C VAL A 88 -8.61 -1.37 -0.42
N LEU A 89 -9.04 -1.28 0.84
CA LEU A 89 -10.14 -2.11 1.30
C LEU A 89 -11.47 -1.76 0.67
N LEU A 90 -11.55 -0.63 -0.04
CA LEU A 90 -12.76 -0.24 -0.75
C LEU A 90 -12.70 -0.56 -2.24
N THR A 91 -11.51 -0.61 -2.83
CA THR A 91 -11.38 -0.95 -4.23
C THR A 91 -11.37 -2.46 -4.47
N LEU A 92 -11.01 -3.25 -3.46
CA LEU A 92 -10.90 -4.69 -3.67
C LEU A 92 -12.15 -5.32 -4.24
N PRO A 93 -13.37 -4.96 -3.81
CA PRO A 93 -14.55 -5.53 -4.47
C PRO A 93 -14.58 -5.28 -5.97
N TYR A 94 -14.13 -4.10 -6.41
CA TYR A 94 -14.07 -3.84 -7.83
C TYR A 94 -13.11 -4.80 -8.53
N SER A 95 -11.94 -5.02 -7.94
CA SER A 95 -10.98 -5.94 -8.53
C SER A 95 -11.55 -7.36 -8.57
N PHE A 96 -12.24 -7.78 -7.52
CA PHE A 96 -12.80 -9.13 -7.49
C PHE A 96 -13.88 -9.29 -8.57
N SER A 97 -14.79 -8.32 -8.65
CA SER A 97 -15.77 -8.36 -9.74
C SER A 97 -15.07 -8.34 -11.09
N GLN A 98 -13.88 -7.74 -11.15
CA GLN A 98 -13.11 -7.74 -12.38
C GLN A 98 -12.48 -9.10 -12.66
N LEU A 99 -12.24 -9.88 -11.61
CA LEU A 99 -11.49 -11.14 -11.70
C LEU A 99 -12.38 -12.35 -11.46
N GLY A 100 -13.07 -12.40 -10.32
CA GLY A 100 -13.84 -13.56 -9.92
C GLY A 100 -13.52 -13.95 -8.49
N MET A 101 -14.25 -14.98 -8.02
CA MET A 101 -14.12 -15.40 -6.63
C MET A 101 -12.91 -16.29 -6.42
N LEU A 102 -12.88 -17.45 -7.09
CA LEU A 102 -11.79 -18.40 -6.86
C LEU A 102 -10.45 -17.81 -7.29
N SER A 103 -10.40 -17.20 -8.47
CA SER A 103 -9.16 -16.60 -8.93
C SER A 103 -8.74 -15.47 -8.01
N GLY A 104 -9.70 -14.66 -7.56
CA GLY A 104 -9.37 -13.59 -6.64
C GLY A 104 -8.75 -14.11 -5.35
N ILE A 105 -9.36 -15.14 -4.76
CA ILE A 105 -8.83 -15.70 -3.52
C ILE A 105 -7.43 -16.26 -3.74
N VAL A 106 -7.24 -16.99 -4.84
CA VAL A 106 -5.94 -17.61 -5.11
C VAL A 106 -4.87 -16.52 -5.26
N LEU A 107 -5.18 -15.49 -6.04
CA LEU A 107 -4.21 -14.42 -6.26
C LEU A 107 -3.92 -13.68 -4.96
N GLN A 108 -4.95 -13.44 -4.15
CA GLN A 108 -4.73 -12.77 -2.87
C GLN A 108 -3.81 -13.59 -1.97
N ILE A 109 -4.04 -14.90 -1.88
CA ILE A 109 -3.21 -15.72 -1.02
C ILE A 109 -1.77 -15.75 -1.53
N PHE A 110 -1.59 -15.89 -2.85
CA PHE A 110 -0.24 -15.94 -3.40
C PHE A 110 0.50 -14.63 -3.16
N TYR A 111 -0.15 -13.50 -3.42
CA TYR A 111 0.50 -12.22 -3.21
C TYR A 111 0.72 -11.93 -1.73
N GLY A 112 -0.13 -12.44 -0.86
CA GLY A 112 0.11 -12.29 0.57
C GLY A 112 1.34 -13.04 1.02
N LEU A 113 1.50 -14.29 0.55
CA LEU A 113 2.72 -15.02 0.87
C LEU A 113 3.94 -14.31 0.32
N LEU A 114 3.85 -13.80 -0.91
CA LEU A 114 4.99 -13.09 -1.49
C LEU A 114 5.30 -11.82 -0.74
N GLY A 115 4.28 -11.09 -0.30
CA GLY A 115 4.52 -9.88 0.47
C GLY A 115 5.16 -10.17 1.80
N SER A 116 4.71 -11.22 2.48
CA SER A 116 5.36 -11.61 3.73
C SER A 116 6.81 -12.01 3.51
N TRP A 117 7.08 -12.75 2.43
CA TRP A 117 8.46 -13.13 2.14
C TRP A 117 9.33 -11.91 1.87
N THR A 118 8.81 -10.94 1.10
CA THR A 118 9.59 -9.73 0.84
C THR A 118 9.79 -8.92 2.11
N ALA A 119 8.79 -8.90 2.99
CA ALA A 119 8.97 -8.23 4.28
C ALA A 119 10.09 -8.87 5.08
N TYR A 120 10.11 -10.21 5.11
CA TYR A 120 11.21 -10.88 5.80
C TYR A 120 12.54 -10.57 5.15
N LEU A 121 12.57 -10.49 3.81
CA LEU A 121 13.80 -10.18 3.11
C LEU A 121 14.30 -8.78 3.49
N ILE A 122 13.42 -7.79 3.52
CA ILE A 122 13.82 -6.45 3.91
C ILE A 122 14.28 -6.44 5.36
N SER A 123 13.60 -7.19 6.23
CA SER A 123 13.99 -7.24 7.63
C SER A 123 15.39 -7.82 7.79
N VAL A 124 15.68 -8.90 7.08
CA VAL A 124 17.01 -9.51 7.20
C VAL A 124 18.06 -8.60 6.59
N LEU A 125 17.72 -7.88 5.51
CA LEU A 125 18.66 -6.91 4.97
C LEU A 125 19.00 -5.84 5.99
N TYR A 126 17.98 -5.30 6.67
CA TYR A 126 18.22 -4.29 7.68
C TYR A 126 19.04 -4.85 8.84
N VAL A 127 18.74 -6.08 9.26
CA VAL A 127 19.47 -6.69 10.36
C VAL A 127 20.93 -6.87 10.00
N GLU A 128 21.19 -7.37 8.78
CA GLU A 128 22.56 -7.54 8.34
C GLU A 128 23.29 -6.20 8.30
N TYR A 129 22.63 -5.17 7.76
CA TYR A 129 23.27 -3.87 7.68
C TYR A 129 23.62 -3.36 9.07
N ARG A 130 22.69 -3.49 10.01
CA ARG A 130 22.94 -3.04 11.38
C ARG A 130 24.09 -3.81 12.00
N ALA A 131 24.14 -5.12 11.76
CA ALA A 131 25.24 -5.92 12.29
C ALA A 131 26.58 -5.44 11.75
N ARG A 132 26.67 -5.21 10.44
CA ARG A 132 27.92 -4.73 9.87
C ARG A 132 28.29 -3.37 10.44
N LYS A 133 27.31 -2.47 10.57
CA LYS A 133 27.61 -1.14 11.10
C LYS A 133 28.12 -1.23 12.54
N GLU A 134 27.47 -2.03 13.37
CA GLU A 134 27.92 -2.17 14.75
C GLU A 134 29.29 -2.83 14.81
N LYS A 135 29.61 -3.70 13.85
CA LYS A 135 30.96 -4.22 13.74
C LYS A 135 31.95 -3.11 13.39
N GLU A 136 31.55 -2.20 12.50
CA GLU A 136 32.45 -1.13 12.08
C GLU A 136 32.78 -0.19 13.24
N GLY A 137 31.80 0.13 14.07
CA GLY A 137 31.99 1.10 15.13
C GLY A 137 31.11 2.33 14.99
N LYS A 138 29.92 2.14 14.42
CA LYS A 138 28.95 3.20 14.25
C LYS A 138 27.82 3.04 15.26
N SER A 139 27.43 4.15 15.87
CA SER A 139 26.37 4.17 16.88
C SER A 139 25.15 4.90 16.33
N PHE A 140 23.96 4.41 16.68
CA PHE A 140 22.72 5.00 16.23
C PHE A 140 21.86 5.43 17.43
N LYS A 141 22.48 6.07 18.41
CA LYS A 141 21.74 6.45 19.61
C LYS A 141 20.61 7.43 19.29
N ASN A 142 20.88 8.42 18.43
CA ASN A 142 19.90 9.43 18.07
C ASN A 142 19.62 9.44 16.56
N HIS A 143 19.84 8.30 15.91
CA HIS A 143 19.73 8.20 14.46
C HIS A 143 18.64 7.21 14.08
N VAL A 144 18.02 7.46 12.94
CA VAL A 144 17.06 6.53 12.34
C VAL A 144 17.49 6.26 10.91
N ILE A 145 17.45 4.99 10.52
CA ILE A 145 17.93 4.54 9.22
C ILE A 145 16.74 4.30 8.31
N GLN A 146 16.82 4.81 7.08
CA GLN A 146 15.79 4.61 6.07
C GLN A 146 16.26 3.56 5.07
N TRP A 147 15.34 3.16 4.19
CA TRP A 147 15.63 2.09 3.24
C TRP A 147 16.76 2.47 2.29
N PHE A 148 16.74 3.70 1.76
CA PHE A 148 17.72 4.09 0.77
C PHE A 148 19.13 4.13 1.34
N GLU A 149 19.28 4.49 2.61
CA GLU A 149 20.61 4.53 3.19
C GLU A 149 21.18 3.12 3.22
N VAL A 150 20.34 2.13 3.56
CA VAL A 150 20.78 0.74 3.53
C VAL A 150 21.13 0.32 2.11
N LEU A 151 20.29 0.69 1.15
CA LEU A 151 20.59 0.36 -0.25
C LEU A 151 21.96 0.92 -0.65
N ASP A 152 22.24 2.17 -0.26
CA ASP A 152 23.55 2.74 -0.52
C ASP A 152 24.65 1.95 0.17
N GLY A 153 24.43 1.57 1.42
CA GLY A 153 25.45 0.88 2.19
C GLY A 153 25.68 -0.55 1.76
N LEU A 154 24.81 -1.11 0.90
CA LEU A 154 24.97 -2.47 0.45
C LEU A 154 25.47 -2.57 -1.00
N LEU A 155 24.77 -1.93 -1.94
CA LEU A 155 25.02 -2.17 -3.36
C LEU A 155 26.03 -1.19 -3.96
N GLY A 156 25.71 0.10 -3.93
CA GLY A 156 26.58 1.08 -4.58
C GLY A 156 25.94 2.46 -4.62
N SER A 157 26.34 3.23 -5.64
CA SER A 157 25.90 4.61 -5.78
C SER A 157 24.66 4.72 -6.69
N TYR A 158 24.79 4.30 -7.94
CA TYR A 158 23.66 4.34 -8.85
C TYR A 158 22.48 3.57 -8.28
N TRP A 159 22.76 2.49 -7.54
CA TRP A 159 21.69 1.71 -6.94
C TRP A 159 21.00 2.51 -5.84
N LYS A 160 21.77 3.25 -5.05
CA LYS A 160 21.17 4.16 -4.08
C LYS A 160 20.27 5.17 -4.78
N ALA A 161 20.74 5.75 -5.88
CA ALA A 161 19.93 6.74 -6.59
C ALA A 161 18.64 6.11 -7.09
N LEU A 162 18.72 4.90 -7.64
CA LEU A 162 17.54 4.23 -8.15
C LEU A 162 16.55 3.95 -7.02
N GLY A 163 17.04 3.43 -5.90
CA GLY A 163 16.15 3.17 -4.78
C GLY A 163 15.48 4.41 -4.24
N LEU A 164 16.25 5.51 -4.10
CA LEU A 164 15.65 6.77 -3.67
C LEU A 164 14.59 7.25 -4.63
N ALA A 165 14.91 7.31 -5.92
CA ALA A 165 13.92 7.78 -6.86
C ALA A 165 12.66 6.94 -6.77
N PHE A 166 12.82 5.62 -6.73
CA PHE A 166 11.67 4.74 -6.74
C PHE A 166 10.80 4.95 -5.51
N ASN A 167 11.41 4.87 -4.32
CA ASN A 167 10.60 4.97 -3.11
C ASN A 167 10.00 6.36 -2.96
N CYS A 168 10.75 7.41 -3.32
CA CYS A 168 10.22 8.77 -3.17
C CYS A 168 9.05 9.02 -4.11
N THR A 169 9.19 8.65 -5.38
CA THR A 169 8.09 8.83 -6.31
C THR A 169 6.90 7.96 -5.90
N PHE A 170 7.17 6.75 -5.41
CA PHE A 170 6.09 5.89 -4.93
C PHE A 170 5.34 6.55 -3.78
N LEU A 171 6.08 7.17 -2.85
CA LEU A 171 5.42 7.82 -1.72
C LEU A 171 4.62 9.03 -2.18
N LEU A 172 5.14 9.79 -3.14
CA LEU A 172 4.37 10.92 -3.67
C LEU A 172 3.07 10.44 -4.29
N PHE A 173 3.14 9.41 -5.14
CA PHE A 173 1.92 8.90 -5.76
C PHE A 173 1.01 8.25 -4.72
N GLY A 174 1.57 7.70 -3.65
CA GLY A 174 0.74 7.19 -2.58
C GLY A 174 -0.02 8.29 -1.87
N SER A 175 0.63 9.43 -1.63
CA SER A 175 -0.07 10.57 -1.08
C SER A 175 -1.18 11.03 -2.01
N VAL A 176 -0.90 11.08 -3.31
CA VAL A 176 -1.94 11.47 -4.27
C VAL A 176 -3.11 10.49 -4.22
N ILE A 177 -2.80 9.19 -4.18
CA ILE A 177 -3.85 8.18 -4.13
C ILE A 177 -4.68 8.34 -2.87
N GLN A 178 -4.01 8.59 -1.74
CA GLN A 178 -4.73 8.76 -0.48
C GLN A 178 -5.65 9.97 -0.54
N LEU A 179 -5.17 11.08 -1.12
CA LEU A 179 -6.03 12.25 -1.28
C LEU A 179 -7.24 11.93 -2.14
N ILE A 180 -7.02 11.21 -3.25
CA ILE A 180 -8.12 10.85 -4.13
C ILE A 180 -9.14 10.00 -3.37
N ALA A 181 -8.66 9.02 -2.62
CA ALA A 181 -9.56 8.15 -1.87
C ALA A 181 -10.34 8.94 -0.83
N CYS A 182 -9.67 9.84 -0.12
CA CYS A 182 -10.35 10.66 0.87
C CYS A 182 -11.45 11.48 0.22
N ALA A 183 -11.15 12.12 -0.90
CA ALA A 183 -12.14 12.95 -1.59
C ALA A 183 -13.31 12.11 -2.06
N SER A 184 -13.04 10.94 -2.65
CA SER A 184 -14.12 10.09 -3.13
C SER A 184 -14.98 9.62 -1.97
N ASN A 185 -14.37 9.26 -0.85
CA ASN A 185 -15.15 8.82 0.31
C ASN A 185 -16.04 9.93 0.83
N ILE A 186 -15.51 11.15 0.93
CA ILE A 186 -16.34 12.23 1.46
C ILE A 186 -17.43 12.61 0.47
N TYR A 187 -17.22 12.32 -0.82
CA TYR A 187 -18.21 12.65 -1.83
C TYR A 187 -19.57 11.99 -1.57
N TYR A 188 -19.61 10.90 -0.80
CA TYR A 188 -20.83 10.15 -0.56
C TYR A 188 -21.49 10.51 0.76
N ILE A 189 -21.00 11.52 1.47
CA ILE A 189 -21.55 11.88 2.77
C ILE A 189 -22.61 12.96 2.60
N ASN A 190 -22.19 14.12 2.12
CA ASN A 190 -23.11 15.24 1.88
C ASN A 190 -22.51 16.09 0.77
N ASP A 191 -23.08 15.99 -0.43
CA ASP A 191 -22.61 16.75 -1.57
C ASP A 191 -23.75 17.58 -2.15
N HIS A 192 -23.45 18.84 -2.47
CA HIS A 192 -24.39 19.70 -3.16
C HIS A 192 -23.70 20.55 -4.23
N LEU A 193 -22.41 20.33 -4.47
CA LEU A 193 -21.65 21.10 -5.45
C LEU A 193 -20.75 20.16 -6.23
N ASP A 194 -19.95 20.72 -7.13
CA ASP A 194 -19.11 19.92 -8.00
C ASP A 194 -17.92 19.34 -7.23
N LYS A 195 -17.52 18.13 -7.61
CA LYS A 195 -16.53 17.38 -6.85
C LYS A 195 -15.13 17.98 -6.97
N ARG A 196 -14.78 18.53 -8.13
CA ARG A 196 -13.43 19.05 -8.33
C ARG A 196 -13.13 20.16 -7.33
N THR A 197 -14.06 21.09 -7.15
CA THR A 197 -13.84 22.15 -6.18
C THR A 197 -13.87 21.62 -4.75
N TRP A 198 -14.55 20.51 -4.51
CA TRP A 198 -14.46 19.85 -3.21
C TRP A 198 -13.04 19.34 -2.97
N THR A 199 -12.41 18.78 -4.00
CA THR A 199 -11.01 18.39 -3.89
C THR A 199 -10.12 19.62 -3.67
N TYR A 200 -10.42 20.72 -4.37
CA TYR A 200 -9.75 21.97 -4.06
C TYR A 200 -9.86 22.32 -2.58
N ILE A 201 -11.05 22.13 -2.01
CA ILE A 201 -11.26 22.42 -0.60
C ILE A 201 -10.37 21.53 0.26
N PHE A 202 -10.32 20.23 -0.05
CA PHE A 202 -9.50 19.32 0.73
C PHE A 202 -8.02 19.61 0.56
N GLY A 203 -7.64 20.34 -0.49
CA GLY A 203 -6.23 20.67 -0.69
C GLY A 203 -5.64 21.43 0.49
N ALA A 204 -6.37 22.43 0.98
CA ALA A 204 -5.88 23.19 2.13
C ALA A 204 -5.76 22.32 3.37
N CYS A 205 -6.74 21.44 3.60
CA CYS A 205 -6.67 20.54 4.75
C CYS A 205 -5.44 19.63 4.64
N CYS A 206 -5.17 19.09 3.45
CA CYS A 206 -3.99 18.26 3.27
C CYS A 206 -2.71 19.05 3.51
N ALA A 207 -2.64 20.28 2.97
CA ALA A 207 -1.45 21.09 3.15
C ALA A 207 -1.25 21.53 4.59
N THR A 208 -2.32 21.57 5.39
CA THR A 208 -2.18 22.00 6.77
C THR A 208 -1.33 21.05 7.60
N THR A 209 -1.11 19.82 7.13
CA THR A 209 -0.32 18.86 7.88
C THR A 209 1.16 19.24 7.96
N VAL A 210 1.61 20.23 7.19
CA VAL A 210 3.03 20.60 7.20
C VAL A 210 3.43 21.14 8.56
N PHE A 211 2.52 21.80 9.27
CA PHE A 211 2.88 22.46 10.52
C PHE A 211 3.37 21.46 11.56
N ILE A 212 2.70 20.33 11.68
CA ILE A 212 3.07 19.33 12.69
C ILE A 212 4.44 18.77 12.35
N PRO A 213 5.43 18.85 13.25
CA PRO A 213 6.76 18.33 12.91
C PRO A 213 6.76 16.86 12.53
N SER A 214 5.99 16.04 13.21
CA SER A 214 5.94 14.61 12.93
C SER A 214 4.91 13.97 13.87
N PHE A 215 4.48 12.77 13.50
CA PHE A 215 3.54 11.99 14.32
C PHE A 215 4.32 11.07 15.25
N HIS A 216 5.06 11.70 16.16
CA HIS A 216 5.93 10.95 17.07
C HIS A 216 5.16 9.83 17.77
N ASN A 217 3.98 10.15 18.30
CA ASN A 217 3.17 9.18 19.02
C ASN A 217 2.35 8.38 18.01
N TYR A 218 3.03 7.42 17.38
CA TYR A 218 2.37 6.55 16.41
C TYR A 218 1.46 5.53 17.09
N ARG A 219 1.58 5.33 18.40
CA ARG A 219 0.84 4.26 19.07
C ARG A 219 -0.66 4.52 19.05
N ILE A 220 -1.08 5.74 19.42
CA ILE A 220 -2.52 6.04 19.47
C ILE A 220 -3.11 5.94 18.07
N TRP A 221 -2.40 6.46 17.07
CA TRP A 221 -2.88 6.39 15.70
C TRP A 221 -3.02 4.95 15.24
N SER A 222 -2.04 4.11 15.58
CA SER A 222 -2.10 2.70 15.19
C SER A 222 -3.29 2.01 15.85
N PHE A 223 -3.50 2.27 17.14
CA PHE A 223 -4.65 1.67 17.84
C PHE A 223 -5.94 2.06 17.16
N LEU A 224 -6.13 3.37 16.93
CA LEU A 224 -7.37 3.83 16.32
C LEU A 224 -7.56 3.22 14.94
N GLY A 225 -6.50 3.21 14.13
CA GLY A 225 -6.62 2.66 12.79
C GLY A 225 -6.99 1.20 12.81
N LEU A 226 -6.30 0.40 13.64
CA LEU A 226 -6.61 -1.01 13.74
C LEU A 226 -8.08 -1.22 14.11
N GLY A 227 -8.53 -0.57 15.18
CA GLY A 227 -9.90 -0.78 15.63
C GLY A 227 -10.91 -0.39 14.58
N MET A 228 -10.73 0.79 13.97
CA MET A 228 -11.74 1.29 13.04
C MET A 228 -11.75 0.49 11.74
N THR A 229 -10.58 0.09 11.24
CA THR A 229 -10.55 -0.74 10.04
C THR A 229 -11.17 -2.09 10.31
N THR A 230 -10.92 -2.67 11.49
CA THR A 230 -11.57 -3.92 11.85
C THR A 230 -13.08 -3.77 11.83
N TYR A 231 -13.59 -2.70 12.45
CA TYR A 231 -15.04 -2.50 12.48
C TYR A 231 -15.58 -2.33 11.06
N THR A 232 -14.91 -1.55 10.22
CA THR A 232 -15.41 -1.31 8.88
C THR A 232 -15.44 -2.59 8.06
N ALA A 233 -14.38 -3.39 8.12
CA ALA A 233 -14.36 -4.65 7.39
C ALA A 233 -15.45 -5.59 7.88
N TRP A 234 -15.60 -5.70 9.20
CA TRP A 234 -16.62 -6.59 9.75
C TRP A 234 -18.02 -6.13 9.34
N TYR A 235 -18.26 -4.83 9.35
CA TYR A 235 -19.57 -4.32 8.93
C TYR A 235 -19.82 -4.58 7.45
N LEU A 236 -18.80 -4.39 6.61
CA LEU A 236 -18.96 -4.68 5.19
C LEU A 236 -19.31 -6.14 4.98
N ALA A 237 -18.66 -7.03 5.71
CA ALA A 237 -19.02 -8.44 5.61
C ALA A 237 -20.44 -8.70 6.12
N ILE A 238 -20.80 -8.10 7.25
CA ILE A 238 -22.04 -8.45 7.93
C ILE A 238 -23.25 -7.96 7.14
N ALA A 239 -23.18 -6.74 6.59
CA ALA A 239 -24.34 -6.18 5.91
C ALA A 239 -24.82 -7.09 4.79
N SER A 240 -23.90 -7.68 4.04
CA SER A 240 -24.28 -8.53 2.92
C SER A 240 -25.05 -9.77 3.36
N ILE A 241 -25.01 -10.11 4.65
CA ILE A 241 -25.69 -11.31 5.11
C ILE A 241 -27.19 -11.21 4.85
N ILE A 242 -27.77 -10.02 5.05
CA ILE A 242 -29.18 -9.80 4.80
C ILE A 242 -29.41 -8.84 3.63
N HIS A 243 -28.37 -8.18 3.14
CA HIS A 243 -28.53 -7.34 1.96
C HIS A 243 -29.16 -8.13 0.81
N GLY A 244 -28.77 -9.39 0.66
CA GLY A 244 -29.39 -10.27 -0.32
C GLY A 244 -28.75 -10.15 -1.69
N GLN A 245 -29.15 -11.08 -2.55
CA GLN A 245 -28.71 -11.05 -3.94
C GLN A 245 -29.21 -9.78 -4.62
N ALA A 246 -28.36 -9.20 -5.46
CA ALA A 246 -28.77 -8.02 -6.21
C ALA A 246 -29.89 -8.38 -7.18
N GLU A 247 -30.81 -7.43 -7.38
CA GLU A 247 -31.91 -7.64 -8.31
C GLU A 247 -31.36 -8.05 -9.67
N GLY A 248 -31.68 -9.28 -10.08
CA GLY A 248 -31.10 -9.82 -11.29
C GLY A 248 -29.60 -9.92 -11.20
N VAL A 249 -29.11 -10.45 -10.08
CA VAL A 249 -27.67 -10.56 -9.88
C VAL A 249 -27.05 -11.40 -10.99
N LYS A 250 -25.87 -10.98 -11.44
CA LYS A 250 -25.16 -11.68 -12.50
C LYS A 250 -23.68 -11.74 -12.16
N HIS A 251 -23.08 -12.91 -12.30
CA HIS A 251 -21.66 -13.11 -12.06
C HIS A 251 -21.05 -13.77 -13.29
N SER A 252 -19.93 -13.21 -13.76
CA SER A 252 -19.24 -13.74 -14.93
C SER A 252 -17.73 -13.88 -14.74
N GLY A 253 -17.16 -13.36 -13.66
CA GLY A 253 -15.75 -13.47 -13.42
C GLY A 253 -14.94 -12.85 -14.53
N PRO A 254 -13.87 -13.52 -14.98
CA PRO A 254 -13.03 -12.93 -16.03
C PRO A 254 -13.75 -12.94 -17.37
N THR A 255 -13.55 -11.86 -18.13
CA THR A 255 -14.18 -11.72 -19.44
C THR A 255 -13.15 -11.60 -20.56
N LYS A 256 -12.15 -10.73 -20.42
CA LYS A 256 -11.17 -10.54 -21.49
C LYS A 256 -9.86 -10.06 -20.87
N LEU A 257 -8.94 -9.58 -21.72
CA LEU A 257 -7.53 -9.46 -21.36
C LEU A 257 -7.28 -8.23 -20.49
N VAL A 258 -7.57 -7.04 -21.01
CA VAL A 258 -7.16 -5.82 -20.35
C VAL A 258 -7.77 -5.73 -18.96
N LEU A 259 -9.07 -6.01 -18.85
CA LEU A 259 -9.75 -5.89 -17.57
C LEU A 259 -9.20 -6.91 -16.56
N TYR A 260 -9.00 -8.15 -17.01
CA TYR A 260 -8.47 -9.18 -16.13
C TYR A 260 -7.10 -8.79 -15.59
N PHE A 261 -6.21 -8.33 -16.47
CA PHE A 261 -4.87 -7.97 -16.04
C PHE A 261 -4.90 -6.72 -15.15
N THR A 262 -5.81 -5.77 -15.44
CA THR A 262 -5.91 -4.60 -14.60
C THR A 262 -6.29 -4.96 -13.18
N GLY A 263 -7.26 -5.86 -13.02
CA GLY A 263 -7.60 -6.33 -11.68
C GLY A 263 -6.45 -7.08 -11.04
N ALA A 264 -5.79 -7.96 -11.81
CA ALA A 264 -4.68 -8.74 -11.30
C ALA A 264 -3.50 -7.85 -10.87
N THR A 265 -3.39 -6.65 -11.42
CA THR A 265 -2.37 -5.72 -10.97
C THR A 265 -2.84 -4.89 -9.78
N ASN A 266 -4.10 -4.45 -9.80
CA ASN A 266 -4.60 -3.66 -8.68
C ASN A 266 -4.58 -4.46 -7.39
N ILE A 267 -4.69 -5.79 -7.47
CA ILE A 267 -4.56 -6.59 -6.26
C ILE A 267 -3.14 -6.47 -5.71
N LEU A 268 -2.14 -6.37 -6.59
CA LEU A 268 -0.75 -6.31 -6.13
C LEU A 268 -0.51 -5.13 -5.21
N TYR A 269 -1.29 -4.06 -5.35
CA TYR A 269 -0.98 -2.83 -4.64
C TYR A 269 -1.06 -3.02 -3.13
N THR A 270 -2.05 -3.77 -2.65
CA THR A 270 -2.38 -3.78 -1.24
C THR A 270 -1.79 -4.95 -0.48
N PHE A 271 -0.90 -5.73 -1.09
CA PHE A 271 -0.34 -6.89 -0.42
C PHE A 271 1.19 -6.86 -0.43
N GLY A 272 1.76 -5.71 -0.07
CA GLY A 272 3.20 -5.57 0.06
C GLY A 272 3.54 -4.96 1.41
N GLY A 273 4.48 -4.01 1.37
CA GLY A 273 4.87 -3.28 2.56
C GLY A 273 4.66 -1.78 2.41
N HIS A 274 4.49 -1.32 1.17
CA HIS A 274 4.30 0.09 0.85
C HIS A 274 5.51 0.94 1.20
N ALA A 275 6.70 0.32 1.24
CA ALA A 275 7.96 1.04 1.38
C ALA A 275 7.99 1.90 2.64
N VAL A 276 7.42 1.38 3.73
CA VAL A 276 7.44 2.07 5.02
C VAL A 276 7.89 1.09 6.09
N THR A 277 8.07 -0.18 5.71
CA THR A 277 8.37 -1.21 6.69
C THR A 277 9.70 -0.97 7.41
N VAL A 278 10.63 -0.27 6.76
CA VAL A 278 11.96 -0.12 7.35
C VAL A 278 11.88 0.61 8.69
N GLU A 279 11.13 1.69 8.75
CA GLU A 279 10.99 2.47 9.98
C GLU A 279 9.89 1.95 10.88
N ILE A 280 9.06 1.01 10.40
CA ILE A 280 7.94 0.54 11.19
C ILE A 280 8.40 -0.11 12.49
N MET A 281 9.62 -0.67 12.49
CA MET A 281 10.07 -1.51 13.59
C MET A 281 11.04 -0.82 14.53
N HIS A 282 11.65 0.29 14.11
CA HIS A 282 12.68 0.91 14.94
C HIS A 282 12.14 1.23 16.34
N ALA A 283 13.04 1.24 17.33
CA ALA A 283 12.63 1.49 18.72
C ALA A 283 12.17 0.19 19.38
N MET A 284 11.99 -0.86 18.59
CA MET A 284 11.61 -2.14 19.15
C MET A 284 12.79 -2.69 19.93
N TRP A 285 12.53 -3.23 21.11
CA TRP A 285 13.60 -3.74 21.95
C TRP A 285 14.15 -5.04 21.37
N LYS A 286 13.44 -5.62 20.41
CA LYS A 286 13.91 -6.83 19.76
C LYS A 286 13.74 -6.67 18.27
N PRO A 287 14.60 -5.85 17.64
CA PRO A 287 14.34 -5.62 16.21
C PRO A 287 14.28 -6.88 15.38
N GLN A 288 15.05 -7.91 15.72
CA GLN A 288 15.20 -9.06 14.83
C GLN A 288 13.90 -9.85 14.67
N LYS A 289 12.89 -9.62 15.51
CA LYS A 289 11.64 -10.38 15.44
C LYS A 289 10.61 -9.57 14.65
N PHE A 290 10.75 -9.61 13.33
CA PHE A 290 9.76 -9.05 12.42
C PHE A 290 8.90 -10.11 11.76
N LYS A 291 9.40 -11.34 11.64
CA LYS A 291 8.64 -12.42 11.02
C LYS A 291 7.31 -12.62 11.74
N TYR A 292 7.35 -12.77 13.06
CA TYR A 292 6.12 -12.95 13.83
C TYR A 292 5.13 -11.83 13.56
N ILE A 293 5.62 -10.59 13.66
CA ILE A 293 4.73 -9.43 13.57
C ILE A 293 4.08 -9.38 12.19
N TYR A 294 4.90 -9.53 11.15
CA TYR A 294 4.35 -9.43 9.80
C TYR A 294 3.37 -10.57 9.53
N LEU A 295 3.76 -11.79 9.88
CA LEU A 295 2.87 -12.92 9.60
C LEU A 295 1.54 -12.75 10.30
N MET A 296 1.55 -12.31 11.56
CA MET A 296 0.29 -12.04 12.25
C MET A 296 -0.49 -10.94 11.55
N ALA A 297 0.22 -9.89 11.14
CA ALA A 297 -0.43 -8.75 10.50
C ALA A 297 -1.05 -9.15 9.17
N THR A 298 -0.29 -9.86 8.35
CA THR A 298 -0.80 -10.29 7.05
C THR A 298 -2.03 -11.16 7.23
N LEU A 299 -1.95 -12.10 8.17
CA LEU A 299 -3.08 -12.98 8.42
C LEU A 299 -4.28 -12.19 8.93
N TYR A 300 -4.03 -11.25 9.83
CA TYR A 300 -5.10 -10.44 10.38
C TYR A 300 -5.80 -9.73 9.24
N VAL A 301 -5.02 -9.24 8.29
CA VAL A 301 -5.58 -8.57 7.14
C VAL A 301 -6.44 -9.54 6.34
N PHE A 302 -5.93 -10.74 6.10
CA PHE A 302 -6.71 -11.73 5.37
C PHE A 302 -8.09 -11.88 5.97
N THR A 303 -8.15 -12.10 7.29
CA THR A 303 -9.44 -12.25 7.96
C THR A 303 -10.31 -11.03 7.74
N LEU A 304 -9.71 -9.85 7.73
CA LEU A 304 -10.50 -8.63 7.54
C LEU A 304 -11.00 -8.49 6.11
N THR A 305 -10.17 -8.86 5.13
CA THR A 305 -10.41 -8.49 3.74
C THR A 305 -11.13 -9.56 2.92
N ILE A 306 -10.70 -10.82 2.99
CA ILE A 306 -11.28 -11.84 2.10
C ILE A 306 -12.77 -11.99 2.35
N PRO A 307 -13.25 -12.23 3.57
CA PRO A 307 -14.70 -12.32 3.77
C PRO A 307 -15.45 -11.09 3.31
N SER A 308 -14.93 -9.89 3.62
CA SER A 308 -15.64 -8.67 3.29
C SER A 308 -15.75 -8.49 1.78
N ALA A 309 -14.62 -8.58 1.06
CA ALA A 309 -14.64 -8.39 -0.38
C ALA A 309 -15.48 -9.47 -1.06
N ALA A 310 -15.32 -10.72 -0.63
CA ALA A 310 -16.10 -11.79 -1.23
C ALA A 310 -17.59 -11.58 -1.02
N ALA A 311 -18.00 -11.19 0.19
CA ALA A 311 -19.41 -10.97 0.47
C ALA A 311 -19.96 -9.81 -0.35
N VAL A 312 -19.20 -8.72 -0.45
CA VAL A 312 -19.66 -7.57 -1.22
C VAL A 312 -19.85 -7.94 -2.68
N TYR A 313 -18.86 -8.64 -3.26
CA TYR A 313 -18.96 -9.03 -4.65
C TYR A 313 -20.14 -9.98 -4.87
N TRP A 314 -20.32 -10.96 -3.97
CA TRP A 314 -21.43 -11.88 -4.13
C TRP A 314 -22.77 -11.14 -4.04
N ALA A 315 -22.87 -10.20 -3.10
CA ALA A 315 -24.14 -9.49 -2.92
C ALA A 315 -24.47 -8.63 -4.13
N PHE A 316 -23.49 -7.90 -4.67
CA PHE A 316 -23.78 -6.92 -5.71
C PHE A 316 -23.38 -7.38 -7.11
N GLY A 317 -23.08 -8.66 -7.30
CA GLY A 317 -22.99 -9.19 -8.65
C GLY A 317 -21.97 -8.43 -9.48
N ASP A 318 -22.37 -8.04 -10.68
CA ASP A 318 -21.52 -7.32 -11.61
C ASP A 318 -21.81 -5.82 -11.63
N ALA A 319 -22.20 -5.26 -10.49
CA ALA A 319 -22.44 -3.83 -10.37
C ALA A 319 -21.20 -3.06 -9.93
N LEU A 320 -20.10 -3.76 -9.64
CA LEU A 320 -18.86 -3.11 -9.20
C LEU A 320 -17.94 -2.77 -10.35
N LEU A 321 -18.29 -3.15 -11.59
CA LEU A 321 -17.42 -2.84 -12.73
C LEU A 321 -17.35 -1.35 -13.00
N ASP A 322 -18.43 -0.61 -12.69
CA ASP A 322 -18.47 0.83 -12.93
C ASP A 322 -18.51 1.66 -11.65
N HIS A 323 -18.99 1.11 -10.55
CA HIS A 323 -18.94 1.77 -9.24
C HIS A 323 -17.86 1.07 -8.43
N SER A 324 -16.61 1.55 -8.58
CA SER A 324 -15.49 0.91 -7.91
C SER A 324 -15.62 1.01 -6.38
N ASN A 325 -15.99 2.18 -5.87
CA ASN A 325 -16.08 2.37 -4.43
C ASN A 325 -17.31 1.66 -3.87
N ALA A 326 -17.12 0.95 -2.76
CA ALA A 326 -18.21 0.19 -2.18
C ALA A 326 -19.29 1.11 -1.62
N PHE A 327 -18.89 2.20 -0.95
CA PHE A 327 -19.88 3.05 -0.30
C PHE A 327 -20.83 3.70 -1.30
N SER A 328 -20.50 3.70 -2.59
CA SER A 328 -21.36 4.34 -3.57
C SER A 328 -22.75 3.73 -3.58
N LEU A 329 -22.84 2.40 -3.49
CA LEU A 329 -24.08 1.68 -3.70
C LEU A 329 -24.76 1.21 -2.42
N MET A 330 -24.07 1.23 -1.29
CA MET A 330 -24.66 0.72 -0.06
C MET A 330 -25.76 1.65 0.45
N PRO A 331 -26.75 1.10 1.15
CA PRO A 331 -27.82 1.97 1.69
C PRO A 331 -27.28 2.97 2.70
N LYS A 332 -27.94 4.12 2.77
CA LYS A 332 -27.56 5.18 3.69
C LYS A 332 -28.13 4.89 5.07
N ASN A 333 -27.25 4.78 6.07
CA ASN A 333 -27.66 4.47 7.43
C ASN A 333 -26.59 4.96 8.40
N ALA A 334 -26.92 4.88 9.69
CA ALA A 334 -25.99 5.37 10.72
C ALA A 334 -24.68 4.58 10.71
N TRP A 335 -24.76 3.26 10.58
CA TRP A 335 -23.55 2.44 10.62
C TRP A 335 -22.64 2.75 9.44
N ARG A 336 -23.24 2.90 8.27
CA ARG A 336 -22.45 3.25 7.10
C ARG A 336 -21.78 4.60 7.31
N ASP A 337 -22.54 5.57 7.79
CA ASP A 337 -21.98 6.90 8.03
C ASP A 337 -20.79 6.83 8.97
N ALA A 338 -20.92 6.07 10.06
CA ALA A 338 -19.80 5.90 10.98
C ALA A 338 -18.62 5.25 10.26
N ALA A 339 -18.90 4.27 9.41
CA ALA A 339 -17.84 3.60 8.68
C ALA A 339 -17.09 4.57 7.78
N VAL A 340 -17.81 5.43 7.05
CA VAL A 340 -17.13 6.35 6.14
C VAL A 340 -16.34 7.39 6.94
N ILE A 341 -16.88 7.83 8.07
CA ILE A 341 -16.15 8.78 8.91
C ILE A 341 -14.85 8.17 9.38
N LEU A 342 -14.90 6.92 9.85
CA LEU A 342 -13.70 6.23 10.28
C LEU A 342 -12.72 6.08 9.13
N MET A 343 -13.21 5.71 7.95
CA MET A 343 -12.32 5.54 6.80
C MET A 343 -11.66 6.86 6.43
N LEU A 344 -12.40 7.96 6.49
CA LEU A 344 -11.80 9.27 6.21
C LEU A 344 -10.71 9.61 7.21
N ILE A 345 -10.97 9.37 8.49
CA ILE A 345 -9.96 9.65 9.52
C ILE A 345 -8.71 8.81 9.26
N HIS A 346 -8.91 7.52 8.97
CA HIS A 346 -7.77 6.64 8.69
C HIS A 346 -7.01 7.10 7.46
N GLN A 347 -7.74 7.55 6.43
CA GLN A 347 -7.09 8.02 5.22
C GLN A 347 -6.24 9.24 5.50
N PHE A 348 -6.74 10.18 6.30
CA PHE A 348 -5.94 11.35 6.65
C PHE A 348 -4.69 10.94 7.43
N ILE A 349 -4.85 10.04 8.40
CA ILE A 349 -3.72 9.63 9.23
C ILE A 349 -2.66 8.94 8.38
N THR A 350 -3.09 8.03 7.51
CA THR A 350 -2.11 7.31 6.69
C THR A 350 -1.50 8.20 5.62
N PHE A 351 -2.24 9.21 5.15
CA PHE A 351 -1.63 10.22 4.28
C PHE A 351 -0.51 10.94 4.99
N GLY A 352 -0.75 11.33 6.25
CA GLY A 352 0.32 11.94 7.02
C GLY A 352 1.51 11.00 7.19
N PHE A 353 1.23 9.73 7.49
CA PHE A 353 2.30 8.75 7.63
C PHE A 353 3.12 8.63 6.35
N ALA A 354 2.45 8.57 5.20
CA ALA A 354 3.15 8.43 3.93
C ALA A 354 3.95 9.67 3.59
N CYS A 355 3.41 10.85 3.91
CA CYS A 355 4.08 12.09 3.56
C CYS A 355 5.27 12.38 4.46
N THR A 356 5.25 11.88 5.70
CA THR A 356 6.34 12.18 6.63
C THR A 356 7.71 11.83 6.08
N PRO A 357 7.96 10.63 5.57
CA PRO A 357 9.30 10.34 5.02
C PRO A 357 9.66 11.20 3.82
N LEU A 358 8.68 11.53 2.96
CA LEU A 358 8.96 12.41 1.84
C LEU A 358 9.38 13.79 2.34
N TYR A 359 8.68 14.31 3.35
CA TYR A 359 9.07 15.58 3.94
C TYR A 359 10.48 15.50 4.53
N PHE A 360 10.79 14.40 5.21
CA PHE A 360 12.11 14.26 5.82
C PHE A 360 13.21 14.27 4.77
N VAL A 361 13.02 13.49 3.70
CA VAL A 361 14.04 13.44 2.64
C VAL A 361 14.16 14.81 1.97
N TRP A 362 13.03 15.47 1.71
CA TRP A 362 13.06 16.78 1.08
C TRP A 362 13.85 17.76 1.93
N GLU A 363 13.56 17.79 3.24
CA GLU A 363 14.28 18.71 4.13
C GLU A 363 15.76 18.38 4.18
N LYS A 364 16.11 17.10 4.26
CA LYS A 364 17.51 16.71 4.35
C LYS A 364 18.27 17.07 3.08
N VAL A 365 17.61 17.03 1.93
CA VAL A 365 18.31 17.33 0.68
C VAL A 365 18.40 18.84 0.46
N ILE A 366 17.30 19.56 0.69
CA ILE A 366 17.32 21.00 0.44
C ILE A 366 17.91 21.78 1.60
N GLY A 367 17.91 21.23 2.81
CA GLY A 367 18.42 21.92 3.97
C GLY A 367 17.33 22.39 4.91
N ARG A 377 6.98 27.77 10.55
CA ARG A 377 7.82 26.61 10.24
C ARG A 377 7.21 25.70 9.17
N ALA A 378 6.47 26.30 8.23
CA ALA A 378 5.88 25.54 7.13
C ALA A 378 6.58 25.76 5.81
N LEU A 379 7.37 26.83 5.69
CA LEU A 379 7.97 27.17 4.40
C LEU A 379 8.88 26.08 3.89
N ALA A 380 9.48 25.28 4.78
CA ALA A 380 10.43 24.28 4.34
C ALA A 380 9.80 23.27 3.41
N ARG A 381 8.60 22.78 3.76
CA ARG A 381 7.90 21.76 2.97
C ARG A 381 6.66 22.31 2.27
N LEU A 382 6.45 23.62 2.29
CA LEU A 382 5.38 24.20 1.49
C LEU A 382 5.52 23.88 0.00
N PRO A 383 6.69 23.99 -0.62
CA PRO A 383 6.77 23.84 -2.08
C PRO A 383 6.81 22.39 -2.56
N VAL A 384 6.44 21.44 -1.70
CA VAL A 384 6.37 20.04 -2.09
C VAL A 384 4.95 19.50 -2.10
N VAL A 385 4.05 20.07 -1.30
CA VAL A 385 2.66 19.57 -1.29
C VAL A 385 1.93 20.01 -2.55
N ILE A 386 2.24 21.20 -3.07
CA ILE A 386 1.44 21.75 -4.18
C ILE A 386 1.39 20.79 -5.37
N PRO A 387 2.49 20.20 -5.82
CA PRO A 387 2.38 19.19 -6.88
C PRO A 387 1.45 18.04 -6.53
N ILE A 388 1.46 17.61 -5.26
CA ILE A 388 0.58 16.52 -4.85
C ILE A 388 -0.87 16.93 -5.05
N TRP A 389 -1.22 18.12 -4.57
CA TRP A 389 -2.59 18.61 -4.67
C TRP A 389 -3.01 18.74 -6.13
N PHE A 390 -2.13 19.32 -6.96
CA PHE A 390 -2.49 19.51 -8.36
C PHE A 390 -2.65 18.18 -9.09
N LEU A 391 -1.78 17.21 -8.80
CA LEU A 391 -1.87 15.93 -9.47
C LEU A 391 -3.11 15.16 -9.02
N ALA A 392 -3.49 15.29 -7.75
CA ALA A 392 -4.75 14.70 -7.31
C ALA A 392 -5.92 15.36 -8.02
N ILE A 393 -5.88 16.68 -8.18
CA ILE A 393 -6.98 17.39 -8.84
C ILE A 393 -7.11 16.94 -10.29
N ILE A 394 -6.00 16.92 -11.03
CA ILE A 394 -6.06 16.69 -12.46
C ILE A 394 -6.57 15.28 -12.79
N PHE A 395 -6.53 14.36 -11.84
CA PHE A 395 -6.98 12.98 -12.05
C PHE A 395 -7.92 12.58 -10.93
N PRO A 396 -9.20 12.34 -11.21
CA PRO A 396 -10.13 11.88 -10.16
C PRO A 396 -10.32 10.38 -10.05
N PHE A 397 -9.54 9.58 -10.79
CA PHE A 397 -9.79 8.15 -10.85
C PHE A 397 -9.38 7.47 -9.55
N PHE A 398 -10.18 6.47 -9.15
CA PHE A 398 -9.98 5.77 -7.88
C PHE A 398 -9.27 4.43 -8.07
N GLY A 399 -9.83 3.54 -8.89
CA GLY A 399 -9.27 2.23 -9.11
C GLY A 399 -8.22 2.20 -10.20
N PRO A 400 -8.49 2.87 -11.32
CA PRO A 400 -7.48 2.89 -12.39
C PRO A 400 -6.13 3.42 -11.92
N ILE A 401 -6.12 4.44 -11.07
CA ILE A 401 -4.84 4.97 -10.57
C ILE A 401 -4.14 3.89 -9.74
N ASN A 402 -4.91 3.14 -8.96
CA ASN A 402 -4.32 2.04 -8.21
C ASN A 402 -3.66 1.02 -9.14
N SER A 403 -4.38 0.64 -10.20
CA SER A 403 -3.81 -0.31 -11.15
C SER A 403 -2.53 0.23 -11.77
N ALA A 404 -2.55 1.51 -12.16
CA ALA A 404 -1.39 2.10 -12.82
C ALA A 404 -0.18 2.13 -11.89
N VAL A 405 -0.38 2.59 -10.66
CA VAL A 405 0.76 2.66 -9.73
C VAL A 405 1.26 1.25 -9.43
N GLY A 406 0.36 0.27 -9.36
CA GLY A 406 0.80 -1.09 -9.15
C GLY A 406 1.64 -1.61 -10.29
N ALA A 407 1.24 -1.32 -11.53
CA ALA A 407 1.97 -1.82 -12.69
C ALA A 407 3.20 -1.00 -13.03
N LEU A 408 3.37 0.18 -12.44
CA LEU A 408 4.48 1.06 -12.77
C LEU A 408 5.44 1.28 -11.61
N LEU A 409 4.94 1.66 -10.44
CA LEU A 409 5.79 2.01 -9.31
C LEU A 409 5.87 0.93 -8.24
N VAL A 410 4.73 0.46 -7.73
CA VAL A 410 4.75 -0.48 -6.62
C VAL A 410 5.51 -1.74 -6.99
N SER A 411 5.29 -2.24 -8.22
CA SER A 411 5.90 -3.49 -8.65
C SER A 411 7.42 -3.42 -8.74
N PHE A 412 8.04 -2.29 -8.43
CA PHE A 412 9.49 -2.15 -8.49
C PHE A 412 10.12 -1.81 -7.15
N THR A 413 9.51 -0.93 -6.37
CA THR A 413 10.08 -0.50 -5.09
C THR A 413 9.64 -1.38 -3.93
N VAL A 414 8.89 -2.45 -4.19
CA VAL A 414 8.40 -3.33 -3.14
C VAL A 414 8.93 -4.75 -3.30
N TYR A 415 8.99 -5.26 -4.53
CA TYR A 415 9.34 -6.66 -4.77
C TYR A 415 10.65 -6.82 -5.53
N ILE A 416 10.77 -6.19 -6.70
CA ILE A 416 11.95 -6.42 -7.53
C ILE A 416 13.22 -5.92 -6.84
N ILE A 417 13.19 -4.68 -6.36
CA ILE A 417 14.39 -4.07 -5.79
C ILE A 417 14.90 -4.85 -4.60
N PRO A 418 14.08 -5.22 -3.62
CA PRO A 418 14.61 -6.00 -2.49
C PRO A 418 15.26 -7.30 -2.89
N SER A 419 14.63 -8.07 -3.78
CA SER A 419 15.21 -9.35 -4.19
C SER A 419 16.53 -9.13 -4.91
N LEU A 420 16.57 -8.17 -5.83
CA LEU A 420 17.80 -7.90 -6.57
C LEU A 420 18.91 -7.47 -5.63
N ALA A 421 18.60 -6.59 -4.68
CA ALA A 421 19.60 -6.13 -3.74
C ALA A 421 20.10 -7.27 -2.86
N HIS A 422 19.19 -8.12 -2.38
CA HIS A 422 19.59 -9.26 -1.57
C HIS A 422 20.55 -10.15 -2.34
N MET A 423 20.22 -10.49 -3.59
CA MET A 423 21.08 -11.37 -4.36
C MET A 423 22.43 -10.71 -4.63
N LEU A 424 22.42 -9.43 -5.00
CA LEU A 424 23.67 -8.75 -5.31
C LEU A 424 24.57 -8.69 -4.08
N THR A 425 23.99 -8.43 -2.90
CA THR A 425 24.81 -8.32 -1.70
C THR A 425 25.33 -9.68 -1.25
N TYR A 426 24.51 -10.74 -1.38
CA TYR A 426 24.88 -12.06 -0.88
C TYR A 426 25.25 -13.01 -2.02
N ARG A 427 25.78 -12.47 -3.12
CA ARG A 427 26.25 -13.32 -4.21
C ARG A 427 27.36 -14.25 -3.76
N SER A 428 28.32 -13.74 -2.99
CA SER A 428 29.47 -14.54 -2.59
C SER A 428 29.14 -15.43 -1.40
N ALA A 429 30.02 -16.38 -1.13
CA ALA A 429 29.82 -17.32 -0.04
C ALA A 429 30.37 -16.81 1.29
N SER A 430 31.41 -15.97 1.26
CA SER A 430 31.96 -15.44 2.50
C SER A 430 30.91 -14.63 3.26
N ALA A 431 30.13 -13.83 2.54
CA ALA A 431 29.05 -13.09 3.18
C ALA A 431 28.01 -14.04 3.78
N ARG A 432 27.69 -15.12 3.06
CA ARG A 432 26.76 -16.10 3.60
C ARG A 432 27.28 -16.69 4.90
N GLN A 433 28.59 -16.94 4.97
CA GLN A 433 29.16 -17.52 6.19
C GLN A 433 28.91 -16.63 7.39
N ASN A 434 29.06 -15.31 7.22
CA ASN A 434 28.86 -14.35 8.31
C ASN A 434 27.45 -13.76 8.30
N ALA A 435 26.47 -14.53 7.85
CA ALA A 435 25.10 -14.02 7.79
C ALA A 435 24.62 -13.62 9.18
N ALA A 436 23.95 -12.48 9.25
CA ALA A 436 23.40 -12.02 10.52
C ALA A 436 22.31 -12.96 11.02
N GLU A 437 21.45 -13.43 10.13
CA GLU A 437 20.33 -14.28 10.49
C GLU A 437 20.23 -15.45 9.52
N LYS A 438 20.25 -16.68 10.05
CA LYS A 438 20.06 -17.87 9.25
C LYS A 438 18.56 -18.10 9.03
N PRO A 439 18.17 -18.57 7.84
CA PRO A 439 16.74 -18.85 7.62
C PRO A 439 16.26 -19.95 8.53
N PRO A 440 14.96 -19.97 8.87
CA PRO A 440 14.45 -20.96 9.82
C PRO A 440 14.50 -22.40 9.30
N PHE A 441 13.97 -23.32 10.09
CA PHE A 441 14.16 -24.75 9.83
C PHE A 441 13.54 -25.17 8.50
N PHE A 442 12.34 -24.70 8.19
CA PHE A 442 11.57 -25.29 7.10
C PHE A 442 12.01 -24.81 5.72
N MET A 443 13.20 -24.20 5.62
CA MET A 443 13.86 -23.98 4.34
C MET A 443 15.32 -24.39 4.51
N PRO A 444 15.59 -25.71 4.48
CA PRO A 444 16.92 -26.20 4.87
C PRO A 444 18.02 -25.97 3.84
N SER A 445 17.82 -25.11 2.85
CA SER A 445 18.91 -24.79 1.92
C SER A 445 18.73 -23.38 1.40
N TRP A 446 19.86 -22.76 1.05
CA TRP A 446 19.83 -21.45 0.38
C TRP A 446 19.47 -21.57 -1.09
N THR A 447 19.58 -22.77 -1.67
CA THR A 447 19.17 -22.97 -3.06
C THR A 447 17.69 -22.66 -3.23
N ALA A 448 16.89 -23.02 -2.23
CA ALA A 448 15.47 -22.68 -2.26
C ALA A 448 15.28 -21.17 -2.29
N MET A 449 16.07 -20.44 -1.50
CA MET A 449 15.99 -18.98 -1.54
C MET A 449 16.37 -18.44 -2.91
N TYR A 450 17.44 -18.99 -3.50
CA TYR A 450 17.83 -18.59 -4.85
C TYR A 450 16.67 -18.77 -5.83
N VAL A 451 16.09 -19.97 -5.84
CA VAL A 451 15.04 -20.25 -6.81
C VAL A 451 13.80 -19.42 -6.53
N LEU A 452 13.48 -19.19 -5.25
CA LEU A 452 12.32 -18.37 -4.91
C LEU A 452 12.52 -16.93 -5.38
N ASN A 453 13.72 -16.38 -5.18
CA ASN A 453 14.00 -15.04 -5.68
C ASN A 453 13.86 -14.98 -7.19
N ALA A 454 14.39 -15.98 -7.89
CA ALA A 454 14.25 -15.99 -9.34
C ALA A 454 12.78 -16.05 -9.76
N PHE A 455 12.01 -16.91 -9.11
CA PHE A 455 10.60 -17.06 -9.47
C PHE A 455 9.84 -15.75 -9.23
N VAL A 456 10.04 -15.14 -8.05
CA VAL A 456 9.31 -13.92 -7.75
C VAL A 456 9.70 -12.81 -8.71
N VAL A 457 11.00 -12.65 -8.98
CA VAL A 457 11.41 -11.55 -9.84
C VAL A 457 10.86 -11.75 -11.25
N VAL A 458 10.95 -12.98 -11.78
CA VAL A 458 10.47 -13.22 -13.14
C VAL A 458 8.97 -12.99 -13.22
N TRP A 459 8.22 -13.52 -12.23
CA TRP A 459 6.77 -13.39 -12.27
C TRP A 459 6.34 -11.94 -12.16
N VAL A 460 6.95 -11.18 -11.23
CA VAL A 460 6.57 -9.79 -11.05
C VAL A 460 6.95 -8.97 -12.29
N LEU A 461 8.07 -9.31 -12.93
CA LEU A 461 8.43 -8.62 -14.16
C LEU A 461 7.42 -8.91 -15.27
N ILE A 462 6.95 -10.15 -15.36
CA ILE A 462 6.06 -10.52 -16.46
C ILE A 462 4.68 -9.92 -16.24
N VAL A 463 4.06 -10.19 -15.09
CA VAL A 463 2.69 -9.76 -14.86
C VAL A 463 2.61 -8.40 -14.15
N GLY A 464 3.66 -7.98 -13.47
CA GLY A 464 3.65 -6.71 -12.78
C GLY A 464 4.02 -5.56 -13.69
N PHE A 465 5.18 -5.65 -14.32
CA PHE A 465 5.68 -4.60 -15.22
C PHE A 465 5.52 -4.96 -16.69
N GLY A 466 5.75 -6.23 -17.04
CA GLY A 466 5.68 -6.60 -18.45
C GLY A 466 4.29 -6.49 -19.04
N PHE A 467 3.27 -6.95 -18.30
CA PHE A 467 1.91 -7.01 -18.83
C PHE A 467 0.87 -6.29 -17.97
N GLY A 468 1.13 -6.10 -16.67
CA GLY A 468 0.19 -5.32 -15.87
C GLY A 468 0.02 -3.92 -16.40
N GLY A 469 1.12 -3.27 -16.79
CA GLY A 469 1.03 -1.97 -17.41
C GLY A 469 0.34 -2.01 -18.76
N TRP A 470 0.54 -3.09 -19.52
CA TRP A 470 -0.09 -3.20 -20.83
C TRP A 470 -1.60 -3.10 -20.74
N ALA A 471 -2.17 -3.43 -19.58
CA ALA A 471 -3.60 -3.25 -19.32
C ALA A 471 -3.90 -1.96 -18.59
N SER A 472 -3.08 -1.57 -17.61
CA SER A 472 -3.37 -0.40 -16.82
C SER A 472 -3.32 0.89 -17.65
N VAL A 473 -2.28 1.03 -18.48
CA VAL A 473 -2.16 2.23 -19.29
C VAL A 473 -3.28 2.30 -20.32
N THR A 474 -3.65 1.15 -20.89
CA THR A 474 -4.78 1.12 -21.80
C THR A 474 -6.06 1.57 -21.09
N ASN A 475 -6.26 1.10 -19.87
CA ASN A 475 -7.43 1.53 -19.11
C ASN A 475 -7.41 3.03 -18.86
N PHE A 476 -6.23 3.58 -18.52
CA PHE A 476 -6.13 5.02 -18.32
C PHE A 476 -6.44 5.78 -19.60
N VAL A 477 -5.93 5.32 -20.74
CA VAL A 477 -6.19 6.00 -22.00
C VAL A 477 -7.70 5.96 -22.29
N ARG A 478 -8.33 4.82 -22.07
CA ARG A 478 -9.77 4.73 -22.25
C ARG A 478 -10.50 5.69 -21.32
N GLN A 479 -10.03 5.79 -20.07
CA GLN A 479 -10.65 6.70 -19.11
C GLN A 479 -10.62 8.10 -19.62
N VAL A 480 -9.43 8.56 -19.99
CA VAL A 480 -9.31 9.93 -20.45
C VAL A 480 -10.12 10.14 -21.73
N ASP A 481 -10.24 9.12 -22.58
CA ASP A 481 -11.12 9.24 -23.74
C ASP A 481 -12.56 9.48 -23.31
N THR A 482 -13.01 8.75 -22.28
CA THR A 482 -14.39 8.84 -21.84
C THR A 482 -14.66 10.07 -20.96
N PHE A 483 -13.62 10.66 -20.37
CA PHE A 483 -13.82 11.78 -19.46
C PHE A 483 -12.94 12.97 -19.82
N GLY A 484 -11.75 12.71 -20.36
CA GLY A 484 -10.82 13.78 -20.63
C GLY A 484 -9.97 14.12 -19.41
N LEU A 485 -9.42 15.33 -19.43
CA LEU A 485 -8.57 15.82 -18.38
C LEU A 485 -9.32 16.83 -17.52
N PHE A 486 -8.93 16.89 -16.24
CA PHE A 486 -9.57 17.78 -15.27
C PHE A 486 -11.07 17.52 -15.19
N ALA A 487 -11.44 16.24 -15.21
CA ALA A 487 -12.85 15.89 -15.10
C ALA A 487 -13.41 16.34 -13.76
N LYS A 488 -14.57 16.98 -13.79
CA LYS A 488 -15.16 17.48 -12.55
C LYS A 488 -15.76 16.35 -11.72
N CYS A 489 -16.45 15.42 -12.36
CA CYS A 489 -17.07 14.28 -11.69
C CYS A 489 -16.70 13.00 -12.41
N TYR A 490 -16.40 11.96 -11.65
CA TYR A 490 -16.02 10.67 -12.19
C TYR A 490 -16.84 9.58 -11.52
N GLN A 491 -17.16 8.54 -12.29
CA GLN A 491 -17.98 7.44 -11.82
C GLN A 491 -19.29 7.97 -11.23
N CYS A 492 -20.03 8.70 -12.06
CA CYS A 492 -21.29 9.31 -11.65
C CYS A 492 -22.24 9.44 -12.84
C IAC B . 0.73 3.69 2.55
C1 IAC B . 0.05 3.45 1.35
C2 IAC B . 0.46 4.10 0.18
C3 IAC B . 1.53 4.98 0.25
C4 IAC B . 2.19 5.20 1.47
C5 IAC B . 1.81 4.57 2.63
C7 IAC B . -0.99 2.50 1.62
C8 IAC B . -0.90 2.22 2.95
C17 IAC B . -1.96 1.95 0.64
C18 IAC B . -2.98 2.98 0.10
N IAC B . 0.14 2.93 3.51
O2 IAC B . -3.40 2.77 -1.05
O3 IAC B . -3.29 3.92 0.86
#